data_1LSS
#
_entry.id   1LSS
#
_cell.length_a   92.000
_cell.length_b   74.400
_cell.length_c   86.000
_cell.angle_alpha   90.00
_cell.angle_beta   90.00
_cell.angle_gamma   90.00
#
_symmetry.space_group_name_H-M   'P 21 21 2'
#
loop_
_entity.id
_entity.type
_entity.pdbx_description
1 polymer 'Trk system potassium uptake protein trkA homolog'
2 non-polymer NICOTINAMIDE-ADENINE-DINUCLEOTIDE
3 water water
#
_entity_poly.entity_id   1
_entity_poly.type   'polypeptide(L)'
_entity_poly.pdbx_seq_one_letter_code
;GSHGMYIIIAGIGRVGYTLAKSLSEKGHDIVLIDIDKDICKKASAEIDALVINGDCTKIKTLEDAGIEDADMYIAVTGKE
EVNLMSSLLAKSYGINKTIARISEIEYKDVFERLGVDVVVSPELIAANYIEKLIERPGIL
;
_entity_poly.pdbx_strand_id   A,B,C,D
#
loop_
_chem_comp.id
_chem_comp.type
_chem_comp.name
_chem_comp.formula
NAD non-polymer NICOTINAMIDE-ADENINE-DINUCLEOTIDE 'C21 H27 N7 O14 P2'
#
# COMPACT_ATOMS: atom_id res chain seq x y z
N MET A 5 -6.65 10.39 -25.47
CA MET A 5 -6.61 8.90 -25.42
C MET A 5 -7.39 8.35 -24.21
N TYR A 6 -7.10 7.11 -23.83
CA TYR A 6 -7.77 6.48 -22.70
C TYR A 6 -7.33 7.02 -21.34
N ILE A 7 -8.28 7.09 -20.42
CA ILE A 7 -8.04 7.55 -19.05
C ILE A 7 -8.41 6.43 -18.06
N ILE A 8 -7.42 5.99 -17.28
CA ILE A 8 -7.64 4.94 -16.30
C ILE A 8 -7.81 5.57 -14.92
N ILE A 9 -8.85 5.15 -14.20
CA ILE A 9 -9.13 5.66 -12.86
C ILE A 9 -9.21 4.51 -11.88
N ALA A 10 -8.39 4.56 -10.83
CA ALA A 10 -8.34 3.52 -9.80
C ALA A 10 -8.95 4.04 -8.51
N GLY A 11 -9.94 3.34 -7.99
CA GLY A 11 -10.60 3.77 -6.77
C GLY A 11 -11.90 4.45 -7.13
N ILE A 12 -12.99 3.69 -7.12
CA ILE A 12 -14.30 4.20 -7.45
C ILE A 12 -15.09 4.67 -6.22
N GLY A 13 -14.45 5.47 -5.38
CA GLY A 13 -15.13 5.97 -4.20
C GLY A 13 -15.71 7.34 -4.51
N ARG A 14 -15.90 8.17 -3.49
CA ARG A 14 -16.45 9.50 -3.72
C ARG A 14 -15.73 10.27 -4.82
N VAL A 15 -14.40 10.32 -4.75
CA VAL A 15 -13.62 11.03 -5.75
C VAL A 15 -13.69 10.35 -7.11
N GLY A 16 -13.27 9.09 -7.17
CA GLY A 16 -13.26 8.35 -8.42
C GLY A 16 -14.60 8.21 -9.13
N TYR A 17 -15.66 7.99 -8.39
CA TYR A 17 -16.96 7.84 -9.00
C TYR A 17 -17.42 9.12 -9.64
N THR A 18 -17.26 10.22 -8.92
CA THR A 18 -17.66 11.53 -9.42
C THR A 18 -16.84 11.88 -10.64
N LEU A 19 -15.52 11.73 -10.52
CA LEU A 19 -14.65 12.02 -11.64
C LEU A 19 -15.05 11.14 -12.82
N ALA A 20 -15.29 9.85 -12.56
CA ALA A 20 -15.70 8.92 -13.61
C ALA A 20 -16.91 9.44 -14.36
N LYS A 21 -18.00 9.73 -13.64
CA LYS A 21 -19.22 10.22 -14.26
C LYS A 21 -18.97 11.47 -15.07
N SER A 22 -18.38 12.47 -14.44
CA SER A 22 -18.11 13.74 -15.10
C SER A 22 -17.27 13.61 -16.37
N LEU A 23 -16.19 12.83 -16.31
CA LEU A 23 -15.33 12.67 -17.48
C LEU A 23 -16.02 11.95 -18.64
N SER A 24 -16.77 10.89 -18.35
CA SER A 24 -17.46 10.14 -19.40
C SER A 24 -18.55 10.94 -20.09
N GLU A 25 -19.26 11.76 -19.32
CA GLU A 25 -20.31 12.58 -19.88
C GLU A 25 -19.69 13.57 -20.87
N LYS A 26 -18.41 13.85 -20.70
CA LYS A 26 -17.71 14.78 -21.59
C LYS A 26 -17.13 14.08 -22.80
N GLY A 27 -17.49 12.81 -22.98
CA GLY A 27 -17.03 12.06 -24.12
C GLY A 27 -15.76 11.23 -23.96
N HIS A 28 -15.01 11.48 -22.89
CA HIS A 28 -13.77 10.76 -22.62
C HIS A 28 -13.90 9.24 -22.55
N ASP A 29 -12.83 8.54 -22.93
CA ASP A 29 -12.80 7.07 -22.88
C ASP A 29 -12.15 6.70 -21.56
N ILE A 30 -12.91 6.12 -20.65
CA ILE A 30 -12.33 5.78 -19.36
C ILE A 30 -12.53 4.33 -18.93
N VAL A 31 -11.59 3.87 -18.11
CA VAL A 31 -11.68 2.52 -17.58
C VAL A 31 -11.47 2.67 -16.08
N LEU A 32 -12.32 2.00 -15.30
CA LEU A 32 -12.24 2.09 -13.84
C LEU A 32 -11.74 0.79 -13.24
N ILE A 33 -10.98 0.92 -12.16
CA ILE A 33 -10.43 -0.24 -11.46
C ILE A 33 -10.83 -0.17 -10.00
N ASP A 34 -11.39 -1.25 -9.47
CA ASP A 34 -11.75 -1.29 -8.06
C ASP A 34 -11.67 -2.71 -7.55
N ILE A 35 -11.17 -2.86 -6.34
CA ILE A 35 -11.02 -4.17 -5.73
C ILE A 35 -12.34 -4.70 -5.18
N ASP A 36 -13.31 -3.81 -4.98
CA ASP A 36 -14.63 -4.20 -4.47
C ASP A 36 -15.59 -4.52 -5.62
N LYS A 37 -15.98 -5.79 -5.74
CA LYS A 37 -16.87 -6.23 -6.82
C LYS A 37 -18.25 -5.56 -6.83
N ASP A 38 -18.84 -5.35 -5.67
CA ASP A 38 -20.14 -4.71 -5.61
C ASP A 38 -20.13 -3.30 -6.17
N ILE A 39 -19.11 -2.53 -5.82
CA ILE A 39 -19.00 -1.17 -6.35
C ILE A 39 -18.74 -1.28 -7.86
N CYS A 40 -18.09 -2.37 -8.27
CA CYS A 40 -17.83 -2.59 -9.70
C CYS A 40 -19.17 -2.88 -10.41
N LYS A 41 -20.03 -3.66 -9.78
CA LYS A 41 -21.34 -3.97 -10.36
C LYS A 41 -22.12 -2.68 -10.48
N LYS A 42 -22.23 -1.96 -9.36
CA LYS A 42 -22.95 -0.69 -9.34
C LYS A 42 -22.45 0.23 -10.45
N ALA A 43 -21.14 0.41 -10.49
CA ALA A 43 -20.52 1.26 -11.49
C ALA A 43 -20.88 0.86 -12.92
N SER A 44 -20.65 -0.40 -13.27
CA SER A 44 -20.93 -0.88 -14.61
C SER A 44 -22.40 -0.79 -15.00
N ALA A 45 -23.26 -0.64 -14.01
CA ALA A 45 -24.68 -0.52 -14.28
C ALA A 45 -25.12 0.92 -14.51
N GLU A 46 -24.25 1.88 -14.21
CA GLU A 46 -24.59 3.30 -14.37
C GLU A 46 -23.65 4.18 -15.21
N ILE A 47 -22.40 3.78 -15.35
CA ILE A 47 -21.45 4.61 -16.09
C ILE A 47 -21.06 4.10 -17.47
N ASP A 48 -20.83 5.04 -18.38
CA ASP A 48 -20.39 4.71 -19.74
C ASP A 48 -18.87 4.58 -19.68
N ALA A 49 -18.41 3.39 -19.29
CA ALA A 49 -16.98 3.12 -19.17
C ALA A 49 -16.72 1.64 -18.92
N LEU A 50 -15.48 1.23 -19.14
CA LEU A 50 -15.09 -0.16 -18.90
C LEU A 50 -14.77 -0.30 -17.43
N VAL A 51 -15.30 -1.34 -16.80
CA VAL A 51 -15.07 -1.56 -15.39
C VAL A 51 -14.35 -2.88 -15.13
N ILE A 52 -13.27 -2.80 -14.35
CA ILE A 52 -12.47 -3.96 -13.99
C ILE A 52 -12.40 -4.14 -12.48
N ASN A 53 -12.64 -5.36 -12.03
CA ASN A 53 -12.59 -5.70 -10.62
C ASN A 53 -11.21 -6.27 -10.41
N GLY A 54 -10.35 -5.51 -9.75
CA GLY A 54 -8.99 -5.98 -9.50
C GLY A 54 -8.20 -5.02 -8.66
N ASP A 55 -7.03 -5.49 -8.24
CA ASP A 55 -6.08 -4.73 -7.41
C ASP A 55 -5.24 -3.90 -8.38
N CYS A 56 -5.31 -2.57 -8.27
CA CYS A 56 -4.56 -1.71 -9.20
C CYS A 56 -3.04 -1.73 -9.02
N THR A 57 -2.56 -2.48 -8.03
CA THR A 57 -1.13 -2.58 -7.76
C THR A 57 -0.54 -3.77 -8.51
N LYS A 58 -1.40 -4.59 -9.11
CA LYS A 58 -0.94 -5.77 -9.84
C LYS A 58 -0.81 -5.57 -11.35
N ILE A 59 0.25 -6.13 -11.91
CA ILE A 59 0.53 -6.06 -13.33
C ILE A 59 -0.64 -6.44 -14.24
N LYS A 60 -1.25 -7.58 -13.96
CA LYS A 60 -2.36 -8.07 -14.76
C LYS A 60 -3.55 -7.13 -14.77
N THR A 61 -3.80 -6.49 -13.65
CA THR A 61 -4.92 -5.56 -13.56
C THR A 61 -4.67 -4.35 -14.45
N LEU A 62 -3.50 -3.74 -14.31
CA LEU A 62 -3.17 -2.57 -15.10
C LEU A 62 -3.11 -2.89 -16.59
N GLU A 63 -2.60 -4.07 -16.92
CA GLU A 63 -2.50 -4.44 -18.32
C GLU A 63 -3.87 -4.70 -18.93
N ASP A 64 -4.73 -5.41 -18.19
CA ASP A 64 -6.07 -5.66 -18.68
C ASP A 64 -6.80 -4.32 -18.82
N ALA A 65 -6.34 -3.31 -18.08
CA ALA A 65 -6.94 -1.99 -18.12
C ALA A 65 -6.39 -1.13 -19.30
N GLY A 66 -5.43 -1.69 -20.04
CA GLY A 66 -4.86 -0.98 -21.17
C GLY A 66 -3.79 0.05 -20.80
N ILE A 67 -3.16 -0.16 -19.65
CA ILE A 67 -2.12 0.75 -19.14
C ILE A 67 -1.03 1.02 -20.16
N GLU A 68 -0.74 0.04 -21.01
CA GLU A 68 0.29 0.18 -22.03
C GLU A 68 -0.14 1.13 -23.16
N ASP A 69 -1.41 1.53 -23.16
CA ASP A 69 -1.94 2.41 -24.19
C ASP A 69 -2.65 3.65 -23.62
N ALA A 70 -2.85 3.68 -22.31
CA ALA A 70 -3.54 4.80 -21.71
C ALA A 70 -2.79 6.10 -21.89
N ASP A 71 -3.49 7.21 -21.70
CA ASP A 71 -2.88 8.52 -21.82
C ASP A 71 -2.78 9.14 -20.43
N MET A 72 -3.58 8.63 -19.50
CA MET A 72 -3.58 9.17 -18.16
C MET A 72 -3.93 8.08 -17.15
N TYR A 73 -3.28 8.15 -15.98
CA TYR A 73 -3.56 7.20 -14.91
C TYR A 73 -3.83 7.99 -13.63
N ILE A 74 -5.03 7.79 -13.08
CA ILE A 74 -5.48 8.50 -11.88
C ILE A 74 -5.80 7.56 -10.72
N ALA A 75 -4.97 7.60 -9.68
CA ALA A 75 -5.14 6.73 -8.52
C ALA A 75 -5.77 7.46 -7.32
N VAL A 76 -7.08 7.29 -7.14
CA VAL A 76 -7.80 7.93 -6.04
C VAL A 76 -8.40 6.96 -5.03
N THR A 77 -7.58 6.01 -4.64
CA THR A 77 -7.93 5.01 -3.64
C THR A 77 -7.82 5.74 -2.29
N GLY A 78 -8.37 5.14 -1.23
CA GLY A 78 -8.29 5.75 0.08
C GLY A 78 -6.99 5.40 0.80
N LYS A 79 -6.06 4.79 0.08
CA LYS A 79 -4.78 4.40 0.66
C LYS A 79 -3.63 4.95 -0.20
N GLU A 80 -3.08 6.08 0.24
CA GLU A 80 -1.99 6.73 -0.47
C GLU A 80 -0.90 5.77 -0.89
N GLU A 81 -0.66 4.74 -0.09
CA GLU A 81 0.36 3.74 -0.41
C GLU A 81 0.03 3.04 -1.74
N VAL A 82 -1.25 2.78 -1.98
CA VAL A 82 -1.66 2.13 -3.22
C VAL A 82 -1.62 3.13 -4.38
N ASN A 83 -2.05 4.36 -4.12
CA ASN A 83 -2.05 5.39 -5.15
C ASN A 83 -0.62 5.69 -5.63
N LEU A 84 0.31 5.72 -4.69
CA LEU A 84 1.70 5.99 -5.03
C LEU A 84 2.32 4.86 -5.82
N MET A 85 2.24 3.64 -5.30
CA MET A 85 2.83 2.49 -6.00
C MET A 85 2.26 2.28 -7.38
N SER A 86 0.93 2.24 -7.48
CA SER A 86 0.32 2.01 -8.79
C SER A 86 0.66 3.11 -9.80
N SER A 87 0.72 4.35 -9.32
CA SER A 87 1.05 5.46 -10.21
C SER A 87 2.46 5.27 -10.75
N LEU A 88 3.37 4.87 -9.87
CA LEU A 88 4.76 4.63 -10.27
C LEU A 88 4.81 3.43 -11.21
N LEU A 89 3.89 2.48 -11.01
CA LEU A 89 3.82 1.32 -11.91
C LEU A 89 3.30 1.82 -13.26
N ALA A 90 2.42 2.82 -13.24
CA ALA A 90 1.88 3.37 -14.49
C ALA A 90 2.97 4.13 -15.24
N LYS A 91 3.76 4.89 -14.48
CA LYS A 91 4.86 5.67 -15.02
C LYS A 91 5.83 4.71 -15.71
N SER A 92 6.06 3.57 -15.07
CA SER A 92 6.94 2.53 -15.57
C SER A 92 6.49 2.08 -16.97
N TYR A 93 5.19 2.17 -17.25
CA TYR A 93 4.69 1.76 -18.55
C TYR A 93 4.69 2.88 -19.60
N GLY A 94 5.23 4.04 -19.24
CA GLY A 94 5.30 5.14 -20.17
C GLY A 94 4.34 6.29 -19.96
N ILE A 95 3.45 6.18 -18.98
CA ILE A 95 2.48 7.25 -18.72
C ILE A 95 3.07 8.41 -17.92
N ASN A 96 3.17 9.56 -18.55
CA ASN A 96 3.70 10.76 -17.91
C ASN A 96 2.69 11.39 -16.94
N LYS A 97 1.46 11.52 -17.41
CA LYS A 97 0.41 12.13 -16.62
C LYS A 97 -0.21 11.19 -15.59
N THR A 98 0.47 11.07 -14.46
CA THR A 98 0.03 10.23 -13.37
C THR A 98 -0.48 11.17 -12.28
N ILE A 99 -1.65 10.85 -11.73
CA ILE A 99 -2.23 11.66 -10.67
C ILE A 99 -2.51 10.73 -9.50
N ALA A 100 -1.92 11.01 -8.34
CA ALA A 100 -2.14 10.19 -7.15
C ALA A 100 -2.70 11.02 -6.01
N ARG A 101 -3.62 10.41 -5.27
CA ARG A 101 -4.28 11.04 -4.12
C ARG A 101 -3.56 10.66 -2.83
N ILE A 102 -3.31 11.63 -1.95
CA ILE A 102 -2.65 11.34 -0.67
C ILE A 102 -3.57 11.67 0.52
N SER A 103 -3.27 11.07 1.66
CA SER A 103 -4.04 11.27 2.90
C SER A 103 -3.36 12.28 3.83
N GLU A 104 -2.03 12.23 3.88
CA GLU A 104 -1.25 13.13 4.73
C GLU A 104 -0.80 14.37 3.98
N ILE A 105 -1.03 15.53 4.56
CA ILE A 105 -0.64 16.79 3.95
C ILE A 105 0.83 16.78 3.52
N GLU A 106 1.70 16.40 4.44
CA GLU A 106 3.15 16.35 4.24
C GLU A 106 3.63 15.89 2.87
N TYR A 107 3.13 14.75 2.41
CA TYR A 107 3.54 14.18 1.13
C TYR A 107 3.20 14.99 -0.11
N LYS A 108 2.45 16.09 0.07
CA LYS A 108 2.08 16.94 -1.05
C LYS A 108 3.28 17.15 -1.97
N ASP A 109 4.40 17.48 -1.36
CA ASP A 109 5.66 17.72 -2.07
C ASP A 109 6.41 16.42 -2.35
N VAL A 110 6.80 15.73 -1.29
CA VAL A 110 7.55 14.48 -1.39
C VAL A 110 7.08 13.58 -2.53
N PHE A 111 5.79 13.28 -2.57
CA PHE A 111 5.21 12.41 -3.61
C PHE A 111 5.49 12.88 -5.04
N GLU A 112 5.47 14.19 -5.27
CA GLU A 112 5.73 14.69 -6.60
C GLU A 112 7.23 14.53 -6.85
N ARG A 113 8.01 14.75 -5.80
CA ARG A 113 9.45 14.61 -5.88
C ARG A 113 9.77 13.10 -5.96
N LEU A 114 8.82 12.27 -5.52
CA LEU A 114 8.99 10.82 -5.54
C LEU A 114 8.75 10.19 -6.92
N GLY A 115 8.30 10.98 -7.88
CA GLY A 115 8.09 10.42 -9.21
C GLY A 115 6.72 10.58 -9.85
N VAL A 116 5.69 10.91 -9.08
CA VAL A 116 4.36 11.07 -9.68
C VAL A 116 4.16 12.47 -10.24
N ASP A 117 3.52 12.56 -11.40
CA ASP A 117 3.29 13.84 -12.05
C ASP A 117 2.53 14.78 -11.11
N VAL A 118 1.29 14.47 -10.78
CA VAL A 118 0.51 15.33 -9.88
C VAL A 118 0.05 14.62 -8.61
N VAL A 119 0.15 15.34 -7.50
CA VAL A 119 -0.25 14.84 -6.19
C VAL A 119 -1.45 15.65 -5.74
N VAL A 120 -2.55 14.97 -5.47
CA VAL A 120 -3.77 15.64 -5.05
C VAL A 120 -4.19 15.38 -3.61
N SER A 121 -4.35 16.46 -2.85
CA SER A 121 -4.79 16.35 -1.47
C SER A 121 -6.15 17.03 -1.41
N PRO A 122 -7.24 16.24 -1.41
CA PRO A 122 -8.57 16.87 -1.35
C PRO A 122 -8.77 17.75 -0.12
N GLU A 123 -8.12 17.40 0.98
CA GLU A 123 -8.23 18.17 2.21
C GLU A 123 -7.59 19.55 1.97
N LEU A 124 -6.43 19.56 1.32
CA LEU A 124 -5.77 20.84 1.04
C LEU A 124 -6.56 21.65 0.02
N ILE A 125 -7.09 20.96 -0.97
CA ILE A 125 -7.87 21.63 -1.99
C ILE A 125 -9.09 22.28 -1.35
N ALA A 126 -9.68 21.57 -0.38
CA ALA A 126 -10.85 22.07 0.32
C ALA A 126 -10.52 23.34 1.12
N ALA A 127 -9.40 23.31 1.84
CA ALA A 127 -8.99 24.46 2.65
C ALA A 127 -8.79 25.66 1.72
N ASN A 128 -7.98 25.50 0.68
CA ASN A 128 -7.72 26.57 -0.26
C ASN A 128 -9.01 27.11 -0.85
N TYR A 129 -9.93 26.20 -1.13
CA TYR A 129 -11.22 26.56 -1.70
C TYR A 129 -11.97 27.48 -0.74
N ILE A 130 -11.95 27.13 0.54
CA ILE A 130 -12.63 27.92 1.55
C ILE A 130 -11.94 29.26 1.68
N GLU A 131 -10.62 29.26 1.54
CA GLU A 131 -9.84 30.48 1.66
C GLU A 131 -10.24 31.48 0.59
N LYS A 132 -10.29 31.03 -0.67
CA LYS A 132 -10.64 31.90 -1.78
C LYS A 132 -11.98 32.57 -1.54
N LEU A 133 -12.98 31.79 -1.19
CA LEU A 133 -14.31 32.32 -0.92
C LEU A 133 -14.26 33.44 0.12
N ILE A 134 -13.46 33.25 1.15
CA ILE A 134 -13.33 34.25 2.19
C ILE A 134 -12.63 35.51 1.67
N GLU A 135 -11.66 35.31 0.78
CA GLU A 135 -10.91 36.44 0.19
C GLU A 135 -11.70 37.06 -0.96
N ARG A 136 -13.02 36.92 -0.92
CA ARG A 136 -13.89 37.46 -1.95
C ARG A 136 -15.00 38.32 -1.34
N MET B 5 -16.57 40.12 13.74
CA MET B 5 -15.24 40.68 13.49
C MET B 5 -14.16 39.61 13.53
N TYR B 6 -14.60 38.35 13.60
CA TYR B 6 -13.71 37.20 13.65
C TYR B 6 -14.40 35.94 13.15
N ILE B 7 -13.59 34.98 12.72
CA ILE B 7 -14.10 33.73 12.19
C ILE B 7 -13.88 32.59 13.18
N ILE B 8 -14.92 31.80 13.40
CA ILE B 8 -14.82 30.65 14.30
C ILE B 8 -14.68 29.42 13.40
N ILE B 9 -13.70 28.58 13.71
CA ILE B 9 -13.45 27.38 12.94
C ILE B 9 -13.39 26.15 13.86
N ALA B 10 -14.24 25.16 13.61
CA ALA B 10 -14.22 23.94 14.41
C ALA B 10 -13.68 22.81 13.56
N GLY B 11 -12.83 21.98 14.15
CA GLY B 11 -12.26 20.87 13.42
C GLY B 11 -10.94 21.33 12.86
N ILE B 12 -9.88 21.19 13.64
CA ILE B 12 -8.57 21.63 13.20
C ILE B 12 -7.71 20.44 12.78
N GLY B 13 -8.20 19.66 11.82
CA GLY B 13 -7.46 18.52 11.32
C GLY B 13 -6.82 18.83 9.98
N ARG B 14 -6.82 17.86 9.07
CA ARG B 14 -6.24 18.07 7.74
C ARG B 14 -6.75 19.35 7.08
N VAL B 15 -8.04 19.64 7.22
CA VAL B 15 -8.63 20.83 6.61
C VAL B 15 -8.60 22.09 7.49
N GLY B 16 -9.01 21.94 8.75
CA GLY B 16 -9.05 23.07 9.65
C GLY B 16 -7.71 23.70 10.01
N TYR B 17 -6.71 22.86 10.26
CA TYR B 17 -5.40 23.35 10.62
C TYR B 17 -4.85 24.26 9.53
N THR B 18 -4.74 23.70 8.32
CA THR B 18 -4.20 24.40 7.16
C THR B 18 -4.95 25.68 6.86
N LEU B 19 -6.28 25.61 6.87
CA LEU B 19 -7.11 26.78 6.61
C LEU B 19 -6.85 27.87 7.67
N ALA B 20 -6.78 27.45 8.92
CA ALA B 20 -6.58 28.37 10.05
C ALA B 20 -5.22 29.08 10.03
N LYS B 21 -4.16 28.32 9.76
CA LYS B 21 -2.83 28.88 9.71
C LYS B 21 -2.79 29.90 8.56
N SER B 22 -3.38 29.52 7.44
CA SER B 22 -3.42 30.36 6.25
C SER B 22 -4.20 31.67 6.48
N LEU B 23 -5.36 31.56 7.13
CA LEU B 23 -6.16 32.75 7.40
C LEU B 23 -5.47 33.63 8.44
N SER B 24 -4.93 32.98 9.46
CA SER B 24 -4.26 33.68 10.53
C SER B 24 -3.11 34.49 9.94
N GLU B 25 -2.23 33.81 9.21
CA GLU B 25 -1.09 34.48 8.60
C GLU B 25 -1.45 35.65 7.70
N LYS B 26 -2.68 35.67 7.17
CA LYS B 26 -3.11 36.76 6.30
C LYS B 26 -3.77 37.89 7.08
N GLY B 27 -3.61 37.88 8.40
CA GLY B 27 -4.16 38.94 9.21
C GLY B 27 -5.57 38.73 9.73
N HIS B 28 -6.21 37.63 9.35
CA HIS B 28 -7.57 37.36 9.81
C HIS B 28 -7.61 37.04 11.30
N ASP B 29 -8.64 37.53 11.97
CA ASP B 29 -8.82 37.29 13.40
C ASP B 29 -9.65 36.01 13.51
N ILE B 30 -9.08 34.96 14.08
CA ILE B 30 -9.80 33.70 14.17
C ILE B 30 -9.75 33.02 15.53
N VAL B 31 -10.81 32.29 15.83
CA VAL B 31 -10.90 31.54 17.08
C VAL B 31 -11.10 30.08 16.68
N LEU B 32 -10.35 29.18 17.31
CA LEU B 32 -10.43 27.76 16.95
C LEU B 32 -11.05 26.84 18.00
N ILE B 33 -11.73 25.80 17.53
CA ILE B 33 -12.35 24.84 18.42
C ILE B 33 -12.02 23.40 18.05
N ASP B 34 -11.63 22.60 19.05
CA ASP B 34 -11.38 21.18 18.80
C ASP B 34 -11.58 20.38 20.07
N ILE B 35 -12.29 19.27 19.93
CA ILE B 35 -12.59 18.40 21.05
C ILE B 35 -11.37 17.60 21.54
N ASP B 36 -10.32 17.58 20.73
CA ASP B 36 -9.13 16.84 21.09
C ASP B 36 -8.02 17.74 21.65
N LYS B 37 -7.67 17.51 22.92
CA LYS B 37 -6.65 18.31 23.59
C LYS B 37 -5.34 18.40 22.82
N ASP B 38 -4.83 17.26 22.37
CA ASP B 38 -3.57 17.25 21.63
C ASP B 38 -3.64 18.11 20.38
N ILE B 39 -4.78 18.12 19.69
CA ILE B 39 -4.93 18.93 18.50
C ILE B 39 -4.96 20.41 18.89
N CYS B 40 -5.59 20.72 20.02
CA CYS B 40 -5.64 22.10 20.50
C CYS B 40 -4.23 22.56 20.88
N LYS B 41 -3.49 21.69 21.56
CA LYS B 41 -2.12 22.02 21.97
C LYS B 41 -1.28 22.31 20.72
N LYS B 42 -1.46 21.48 19.70
CA LYS B 42 -0.74 21.65 18.45
C LYS B 42 -1.10 22.98 17.80
N ALA B 43 -2.39 23.33 17.80
CA ALA B 43 -2.81 24.59 17.20
C ALA B 43 -2.33 25.82 17.98
N SER B 44 -2.28 25.72 19.31
CA SER B 44 -1.81 26.84 20.13
C SER B 44 -0.31 27.07 19.94
N ALA B 45 0.40 26.01 19.56
CA ALA B 45 1.83 26.10 19.36
C ALA B 45 2.22 26.60 17.97
N GLU B 46 1.32 26.43 17.00
CA GLU B 46 1.63 26.83 15.63
C GLU B 46 0.80 27.93 15.01
N ILE B 47 -0.32 28.26 15.62
CA ILE B 47 -1.21 29.28 15.08
C ILE B 47 -1.59 30.33 16.10
N ASP B 48 -1.35 31.59 15.75
CA ASP B 48 -1.70 32.70 16.64
C ASP B 48 -3.21 32.82 16.61
N ALA B 49 -3.86 32.41 17.69
CA ALA B 49 -5.30 32.49 17.76
C ALA B 49 -5.83 31.95 19.07
N LEU B 50 -7.08 32.28 19.37
CA LEU B 50 -7.71 31.80 20.58
C LEU B 50 -8.05 30.34 20.27
N VAL B 51 -7.79 29.43 21.20
CA VAL B 51 -8.06 28.02 20.98
C VAL B 51 -8.92 27.43 22.10
N ILE B 52 -10.14 27.01 21.75
CA ILE B 52 -11.05 26.45 22.74
C ILE B 52 -11.16 24.93 22.60
N ASN B 53 -10.88 24.24 23.70
CA ASN B 53 -10.97 22.79 23.73
C ASN B 53 -12.40 22.43 24.15
N GLY B 54 -13.17 21.90 23.20
CA GLY B 54 -14.55 21.53 23.48
C GLY B 54 -15.27 20.90 22.31
N ASP B 55 -16.52 20.51 22.57
CA ASP B 55 -17.39 19.87 21.59
C ASP B 55 -18.22 20.98 20.94
N CYS B 56 -17.95 21.29 19.67
CA CYS B 56 -18.68 22.35 18.98
C CYS B 56 -20.19 22.15 18.88
N THR B 57 -20.70 21.00 19.32
CA THR B 57 -22.15 20.76 19.29
C THR B 57 -22.77 21.19 20.61
N LYS B 58 -21.93 21.61 21.55
CA LYS B 58 -22.42 22.07 22.85
C LYS B 58 -22.38 23.59 22.90
N ILE B 59 -23.55 24.17 23.14
CA ILE B 59 -23.72 25.61 23.21
C ILE B 59 -22.66 26.35 24.04
N LYS B 60 -22.27 25.76 25.18
CA LYS B 60 -21.29 26.37 26.07
C LYS B 60 -19.97 26.60 25.35
N THR B 61 -19.55 25.59 24.60
CA THR B 61 -18.31 25.66 23.84
C THR B 61 -18.42 26.81 22.83
N LEU B 62 -19.54 26.89 22.13
CA LEU B 62 -19.72 27.96 21.15
C LEU B 62 -19.77 29.32 21.85
N GLU B 63 -20.31 29.38 23.06
CA GLU B 63 -20.37 30.63 23.83
C GLU B 63 -18.91 31.04 24.10
N ASP B 64 -18.16 30.11 24.67
CA ASP B 64 -16.75 30.33 24.98
C ASP B 64 -15.96 30.84 23.77
N ALA B 65 -16.37 30.43 22.57
CA ALA B 65 -15.68 30.86 21.36
C ALA B 65 -16.20 32.19 20.82
N GLY B 66 -17.16 32.78 21.51
CA GLY B 66 -17.70 34.06 21.07
C GLY B 66 -18.68 33.93 19.92
N ILE B 67 -19.40 32.81 19.88
CA ILE B 67 -20.37 32.56 18.83
C ILE B 67 -21.34 33.73 18.71
N GLU B 68 -21.54 34.44 19.82
CA GLU B 68 -22.45 35.58 19.88
C GLU B 68 -22.14 36.74 18.93
N ASP B 69 -20.86 36.98 18.65
CA ASP B 69 -20.49 38.10 17.79
C ASP B 69 -19.51 37.76 16.67
N ALA B 70 -19.40 36.48 16.32
CA ALA B 70 -18.50 36.11 15.25
C ALA B 70 -19.17 36.46 13.92
N ASP B 71 -18.38 36.79 12.93
CA ASP B 71 -18.94 37.16 11.63
C ASP B 71 -19.09 35.91 10.76
N MET B 72 -18.57 34.78 11.24
CA MET B 72 -18.62 33.57 10.44
C MET B 72 -18.30 32.32 11.28
N TYR B 73 -18.93 31.21 10.92
CA TYR B 73 -18.71 29.95 11.60
C TYR B 73 -18.34 28.92 10.54
N ILE B 74 -17.20 28.26 10.72
CA ILE B 74 -16.74 27.26 9.77
C ILE B 74 -16.56 25.91 10.48
N ALA B 75 -17.36 24.92 10.07
CA ALA B 75 -17.30 23.57 10.67
C ALA B 75 -16.67 22.56 9.71
N VAL B 76 -15.39 22.25 9.92
CA VAL B 76 -14.69 21.32 9.05
C VAL B 76 -14.22 20.10 9.83
N THR B 77 -15.06 19.70 10.76
CA THR B 77 -14.83 18.51 11.57
C THR B 77 -14.93 17.32 10.59
N GLY B 78 -14.44 16.16 11.01
CA GLY B 78 -14.52 14.99 10.14
C GLY B 78 -15.89 14.33 10.15
N LYS B 79 -16.76 14.77 11.04
CA LYS B 79 -18.11 14.22 11.16
C LYS B 79 -19.15 15.12 10.50
N GLU B 80 -19.78 14.57 9.48
CA GLU B 80 -20.80 15.26 8.72
C GLU B 80 -21.90 15.93 9.55
N GLU B 81 -22.61 15.18 10.39
CA GLU B 81 -23.69 15.83 11.13
C GLU B 81 -23.26 16.73 12.27
N VAL B 82 -22.02 16.61 12.70
CA VAL B 82 -21.50 17.49 13.73
C VAL B 82 -21.35 18.84 13.05
N ASN B 83 -20.82 18.81 11.83
CA ASN B 83 -20.63 20.04 11.08
C ASN B 83 -22.00 20.70 10.80
N LEU B 84 -23.01 19.88 10.50
CA LEU B 84 -24.36 20.41 10.22
C LEU B 84 -25.03 20.93 11.49
N MET B 85 -25.05 20.11 12.54
CA MET B 85 -25.69 20.52 13.79
C MET B 85 -25.07 21.80 14.37
N SER B 86 -23.75 21.83 14.49
CA SER B 86 -23.07 22.99 15.03
C SER B 86 -23.35 24.23 14.15
N SER B 87 -23.34 24.05 12.83
CA SER B 87 -23.62 25.18 11.94
C SER B 87 -25.06 25.64 12.17
N LEU B 88 -25.97 24.71 12.37
CA LEU B 88 -27.35 25.10 12.60
C LEU B 88 -27.40 25.84 13.94
N LEU B 89 -26.63 25.37 14.91
CA LEU B 89 -26.59 26.01 16.21
C LEU B 89 -26.04 27.43 16.04
N ALA B 90 -24.99 27.58 15.23
CA ALA B 90 -24.41 28.90 14.99
C ALA B 90 -25.46 29.81 14.36
N LYS B 91 -26.23 29.23 13.44
CA LYS B 91 -27.27 29.96 12.76
C LYS B 91 -28.30 30.50 13.78
N SER B 92 -28.71 29.67 14.72
CA SER B 92 -29.70 30.08 15.72
C SER B 92 -29.22 31.27 16.55
N TYR B 93 -27.91 31.53 16.53
CA TYR B 93 -27.33 32.64 17.27
C TYR B 93 -27.19 33.93 16.48
N GLY B 94 -27.61 33.90 15.21
CA GLY B 94 -27.51 35.12 14.42
C GLY B 94 -26.50 35.06 13.29
N ILE B 95 -25.52 34.18 13.40
CA ILE B 95 -24.49 34.03 12.37
C ILE B 95 -25.07 33.83 10.97
N ASN B 96 -24.83 34.81 10.11
CA ASN B 96 -25.31 34.81 8.74
C ASN B 96 -24.43 34.11 7.71
N LYS B 97 -23.21 33.75 8.09
CA LYS B 97 -22.30 33.07 7.15
C LYS B 97 -21.70 31.79 7.75
N THR B 98 -22.25 30.65 7.35
CA THR B 98 -21.78 29.37 7.83
C THR B 98 -21.25 28.54 6.68
N ILE B 99 -20.18 27.82 6.94
CA ILE B 99 -19.57 26.97 5.94
C ILE B 99 -19.42 25.63 6.63
N ALA B 100 -19.96 24.58 6.01
CA ALA B 100 -19.88 23.26 6.61
C ALA B 100 -19.39 22.20 5.65
N ARG B 101 -18.46 21.39 6.13
CA ARG B 101 -17.88 20.31 5.36
C ARG B 101 -18.84 19.12 5.36
N ILE B 102 -18.82 18.35 4.29
CA ILE B 102 -19.72 17.22 4.22
C ILE B 102 -18.97 16.00 3.70
N SER B 103 -19.44 14.82 4.06
CA SER B 103 -18.85 13.54 3.62
C SER B 103 -19.63 12.90 2.48
N GLU B 104 -20.95 12.92 2.60
CA GLU B 104 -21.85 12.33 1.60
C GLU B 104 -22.40 13.42 0.70
N ILE B 105 -21.81 13.49 -0.49
CA ILE B 105 -22.16 14.50 -1.49
C ILE B 105 -23.65 14.62 -1.76
N GLU B 106 -24.38 13.50 -1.66
CA GLU B 106 -25.82 13.49 -1.91
C GLU B 106 -26.63 14.48 -1.06
N TYR B 107 -26.15 14.78 0.13
CA TYR B 107 -26.87 15.69 1.04
C TYR B 107 -26.49 17.17 0.90
N LYS B 108 -25.55 17.47 0.01
CA LYS B 108 -25.10 18.85 -0.20
C LYS B 108 -26.28 19.83 -0.32
N ASP B 109 -27.22 19.54 -1.20
CA ASP B 109 -28.38 20.42 -1.38
C ASP B 109 -29.31 20.52 -0.18
N VAL B 110 -29.35 19.47 0.65
CA VAL B 110 -30.20 19.50 1.85
C VAL B 110 -29.59 20.44 2.87
N PHE B 111 -28.27 20.36 3.06
CA PHE B 111 -27.57 21.25 3.99
C PHE B 111 -27.88 22.69 3.55
N GLU B 112 -27.69 22.97 2.26
CA GLU B 112 -27.95 24.30 1.69
C GLU B 112 -29.41 24.70 1.91
N ARG B 113 -30.34 23.80 1.57
CA ARG B 113 -31.76 24.08 1.74
C ARG B 113 -32.03 24.46 3.19
N LEU B 114 -31.30 23.84 4.12
CA LEU B 114 -31.48 24.11 5.55
C LEU B 114 -30.76 25.34 6.06
N GLY B 115 -30.14 26.10 5.17
CA GLY B 115 -29.47 27.31 5.62
C GLY B 115 -27.95 27.37 5.71
N VAL B 116 -27.25 26.26 5.48
CA VAL B 116 -25.79 26.33 5.52
C VAL B 116 -25.43 27.08 4.25
N ASP B 117 -24.77 28.21 4.42
CA ASP B 117 -24.41 29.09 3.32
C ASP B 117 -23.49 28.50 2.26
N VAL B 118 -22.49 27.74 2.68
CA VAL B 118 -21.56 27.14 1.74
C VAL B 118 -21.25 25.72 2.20
N VAL B 119 -21.59 24.74 1.36
CA VAL B 119 -21.32 23.35 1.71
C VAL B 119 -20.08 22.90 0.96
N VAL B 120 -19.12 22.35 1.68
CA VAL B 120 -17.88 21.92 1.04
C VAL B 120 -17.57 20.44 1.13
N SER B 121 -17.46 19.80 -0.03
CA SER B 121 -17.12 18.39 -0.10
C SER B 121 -15.71 18.29 -0.62
N PRO B 122 -14.75 17.92 0.24
CA PRO B 122 -13.36 17.82 -0.23
C PRO B 122 -13.23 16.87 -1.43
N GLU B 123 -14.01 15.79 -1.41
CA GLU B 123 -13.96 14.82 -2.51
C GLU B 123 -14.53 15.34 -3.83
N LEU B 124 -15.69 15.99 -3.77
CA LEU B 124 -16.29 16.56 -4.98
C LEU B 124 -15.35 17.64 -5.55
N ILE B 125 -14.89 18.55 -4.69
CA ILE B 125 -14.01 19.62 -5.11
C ILE B 125 -12.72 19.08 -5.72
N ALA B 126 -12.20 17.98 -5.15
CA ALA B 126 -10.98 17.36 -5.66
C ALA B 126 -11.24 16.70 -7.03
N ALA B 127 -12.43 16.15 -7.22
CA ALA B 127 -12.78 15.54 -8.51
C ALA B 127 -12.89 16.64 -9.56
N ASN B 128 -13.46 17.79 -9.20
CA ASN B 128 -13.58 18.91 -10.13
C ASN B 128 -12.19 19.43 -10.49
N TYR B 129 -11.34 19.52 -9.48
CA TYR B 129 -9.99 20.01 -9.68
C TYR B 129 -9.22 19.16 -10.68
N ILE B 130 -9.24 17.84 -10.47
CA ILE B 130 -8.56 16.91 -11.36
C ILE B 130 -9.16 17.05 -12.76
N GLU B 131 -10.48 17.17 -12.81
CA GLU B 131 -11.17 17.32 -14.08
C GLU B 131 -10.64 18.54 -14.85
N LYS B 132 -10.32 19.62 -14.13
CA LYS B 132 -9.82 20.83 -14.77
C LYS B 132 -8.43 20.60 -15.33
N LEU B 133 -7.59 19.84 -14.64
CA LEU B 133 -6.23 19.57 -15.11
C LEU B 133 -6.25 18.74 -16.39
N ILE B 134 -7.33 17.99 -16.58
CA ILE B 134 -7.45 17.15 -17.76
C ILE B 134 -7.90 17.97 -18.95
N GLU B 135 -8.78 18.95 -18.72
CA GLU B 135 -9.29 19.81 -19.78
C GLU B 135 -8.21 20.84 -20.13
N ARG B 136 -7.15 20.85 -19.34
CA ARG B 136 -6.02 21.77 -19.50
C ARG B 136 -6.42 23.22 -19.27
N MET C 5 24.02 6.23 10.78
CA MET C 5 24.94 5.62 11.72
C MET C 5 24.48 4.20 12.09
N TYR C 6 23.20 3.91 11.86
CA TYR C 6 22.66 2.59 12.16
C TYR C 6 21.68 2.06 11.11
N ILE C 7 20.99 0.97 11.42
CA ILE C 7 20.05 0.35 10.47
C ILE C 7 18.62 0.17 10.98
N ILE C 8 17.66 0.49 10.12
CA ILE C 8 16.25 0.34 10.46
C ILE C 8 15.61 -0.81 9.68
N ILE C 9 14.85 -1.65 10.38
CA ILE C 9 14.17 -2.77 9.74
C ILE C 9 12.67 -2.70 9.94
N ALA C 10 11.92 -2.66 8.84
CA ALA C 10 10.46 -2.59 8.90
C ALA C 10 9.85 -3.91 8.46
N GLY C 11 8.99 -4.45 9.32
CA GLY C 11 8.36 -5.70 8.99
C GLY C 11 9.09 -6.80 9.71
N ILE C 12 8.69 -7.03 10.96
CA ILE C 12 9.32 -8.03 11.80
C ILE C 12 8.61 -9.37 11.68
N GLY C 13 8.66 -9.93 10.47
CA GLY C 13 8.03 -11.20 10.21
C GLY C 13 9.10 -12.27 9.98
N ARG C 14 8.73 -13.34 9.29
CA ARG C 14 9.67 -14.42 9.02
C ARG C 14 10.98 -13.91 8.45
N VAL C 15 10.91 -12.86 7.64
CA VAL C 15 12.12 -12.28 7.07
C VAL C 15 12.76 -11.27 8.00
N GLY C 16 11.96 -10.30 8.43
CA GLY C 16 12.46 -9.26 9.32
C GLY C 16 13.01 -9.70 10.65
N TYR C 17 12.23 -10.49 11.39
CA TYR C 17 12.65 -10.98 12.69
C TYR C 17 14.01 -11.69 12.64
N THR C 18 14.13 -12.69 11.76
CA THR C 18 15.36 -13.44 11.61
C THR C 18 16.55 -12.55 11.30
N LEU C 19 16.37 -11.64 10.35
CA LEU C 19 17.42 -10.72 9.96
C LEU C 19 17.83 -9.85 11.15
N ALA C 20 16.83 -9.38 11.90
CA ALA C 20 17.05 -8.53 13.06
C ALA C 20 17.84 -9.30 14.12
N LYS C 21 17.37 -10.50 14.47
CA LYS C 21 18.05 -11.32 15.46
C LYS C 21 19.51 -11.50 15.05
N SER C 22 19.72 -11.97 13.82
CA SER C 22 21.07 -12.20 13.31
C SER C 22 21.95 -10.95 13.27
N LEU C 23 21.36 -9.80 12.95
CA LEU C 23 22.12 -8.55 12.89
C LEU C 23 22.39 -8.00 14.28
N SER C 24 21.44 -8.19 15.18
CA SER C 24 21.57 -7.71 16.55
C SER C 24 22.76 -8.38 17.21
N GLU C 25 22.90 -9.69 16.97
CA GLU C 25 23.98 -10.47 17.55
C GLU C 25 25.33 -10.16 16.92
N LYS C 26 25.35 -9.85 15.62
CA LYS C 26 26.60 -9.54 14.94
C LYS C 26 27.20 -8.22 15.42
N GLY C 27 26.55 -7.58 16.40
CA GLY C 27 27.05 -6.33 16.92
C GLY C 27 26.61 -5.06 16.20
N HIS C 28 25.45 -5.11 15.55
CA HIS C 28 24.93 -3.96 14.82
C HIS C 28 23.86 -3.19 15.60
N ASP C 29 23.81 -1.87 15.41
CA ASP C 29 22.82 -1.04 16.08
C ASP C 29 21.58 -1.04 15.20
N ILE C 30 20.55 -1.77 15.61
CA ILE C 30 19.34 -1.82 14.80
C ILE C 30 18.08 -1.35 15.54
N VAL C 31 17.15 -0.82 14.75
CA VAL C 31 15.87 -0.34 15.26
C VAL C 31 14.81 -1.03 14.42
N LEU C 32 13.83 -1.63 15.09
CA LEU C 32 12.77 -2.35 14.41
C LEU C 32 11.46 -1.57 14.38
N ILE C 33 10.73 -1.70 13.26
CA ILE C 33 9.43 -1.05 13.08
C ILE C 33 8.41 -2.10 12.67
N ASP C 34 7.28 -2.12 13.37
CA ASP C 34 6.19 -3.04 13.04
C ASP C 34 4.87 -2.43 13.45
N ILE C 35 3.87 -2.57 12.59
CA ILE C 35 2.54 -2.04 12.82
C ILE C 35 1.75 -2.85 13.85
N ASP C 36 2.24 -4.04 14.18
CA ASP C 36 1.56 -4.90 15.15
C ASP C 36 2.14 -4.79 16.55
N LYS C 37 1.31 -4.34 17.49
CA LYS C 37 1.70 -4.15 18.88
C LYS C 37 2.23 -5.41 19.54
N ASP C 38 1.54 -6.53 19.32
CA ASP C 38 1.95 -7.79 19.92
C ASP C 38 3.26 -8.30 19.35
N ILE C 39 3.55 -7.96 18.10
CA ILE C 39 4.80 -8.39 17.47
C ILE C 39 5.95 -7.54 18.00
N CYS C 40 5.65 -6.29 18.33
CA CYS C 40 6.67 -5.39 18.87
C CYS C 40 7.06 -5.86 20.27
N LYS C 41 6.06 -6.34 21.03
CA LYS C 41 6.31 -6.83 22.39
C LYS C 41 7.28 -8.00 22.34
N LYS C 42 6.96 -9.00 21.53
CA LYS C 42 7.80 -10.18 21.40
C LYS C 42 9.22 -9.78 21.01
N ALA C 43 9.35 -9.07 19.89
CA ALA C 43 10.65 -8.64 19.40
C ALA C 43 11.46 -7.85 20.43
N SER C 44 10.83 -6.87 21.08
CA SER C 44 11.51 -6.05 22.08
C SER C 44 12.02 -6.87 23.25
N ALA C 45 11.31 -7.94 23.57
CA ALA C 45 11.69 -8.82 24.67
C ALA C 45 12.78 -9.79 24.25
N GLU C 46 12.73 -10.21 23.00
CA GLU C 46 13.69 -11.18 22.47
C GLU C 46 14.92 -10.56 21.78
N ILE C 47 14.83 -9.30 21.38
CA ILE C 47 15.94 -8.67 20.67
C ILE C 47 16.46 -7.36 21.26
N ASP C 48 17.79 -7.21 21.25
CA ASP C 48 18.41 -5.99 21.75
C ASP C 48 18.45 -4.94 20.65
N ALA C 49 17.41 -4.13 20.64
CA ALA C 49 17.25 -3.07 19.65
C ALA C 49 16.04 -2.27 20.08
N LEU C 50 15.89 -1.07 19.57
CA LEU C 50 14.73 -0.26 19.93
C LEU C 50 13.57 -0.63 19.00
N VAL C 51 12.37 -0.70 19.55
CA VAL C 51 11.21 -1.05 18.76
C VAL C 51 10.17 0.05 18.70
N ILE C 52 9.63 0.29 17.52
CA ILE C 52 8.61 1.31 17.32
C ILE C 52 7.35 0.67 16.77
N ASN C 53 6.23 0.90 17.44
CA ASN C 53 4.96 0.36 16.99
C ASN C 53 4.27 1.41 16.12
N GLY C 54 4.10 1.09 14.84
CA GLY C 54 3.47 2.02 13.93
C GLY C 54 3.63 1.68 12.46
N ASP C 55 2.97 2.48 11.62
CA ASP C 55 3.01 2.32 10.18
C ASP C 55 4.26 2.97 9.59
N CYS C 56 5.14 2.15 9.00
CA CYS C 56 6.38 2.65 8.42
C CYS C 56 6.22 3.50 7.15
N THR C 57 4.98 3.72 6.71
CA THR C 57 4.77 4.56 5.52
C THR C 57 4.56 5.98 6.01
N LYS C 58 4.28 6.12 7.30
CA LYS C 58 4.05 7.41 7.94
C LYS C 58 5.37 8.07 8.31
N ILE C 59 5.46 9.36 8.03
CA ILE C 59 6.65 10.14 8.34
C ILE C 59 7.00 10.12 9.83
N LYS C 60 5.99 10.30 10.67
CA LYS C 60 6.21 10.30 12.11
C LYS C 60 6.82 9.00 12.62
N THR C 61 6.39 7.88 12.04
CA THR C 61 6.91 6.58 12.44
C THR C 61 8.40 6.52 12.10
N LEU C 62 8.74 6.97 10.90
CA LEU C 62 10.13 6.95 10.47
C LEU C 62 10.96 7.89 11.34
N GLU C 63 10.39 9.03 11.70
CA GLU C 63 11.12 9.98 12.53
C GLU C 63 11.39 9.34 13.87
N ASP C 64 10.37 8.67 14.42
CA ASP C 64 10.50 7.99 15.71
C ASP C 64 11.55 6.89 15.63
N ALA C 65 11.79 6.38 14.42
CA ALA C 65 12.76 5.31 14.22
C ALA C 65 14.17 5.88 14.03
N GLY C 66 14.27 7.21 13.99
CA GLY C 66 15.55 7.86 13.81
C GLY C 66 16.01 7.80 12.37
N ILE C 67 15.06 7.78 11.45
CA ILE C 67 15.34 7.72 10.02
C ILE C 67 16.50 8.64 9.58
N GLU C 68 16.62 9.79 10.25
CA GLU C 68 17.66 10.77 9.93
C GLU C 68 19.09 10.31 10.23
N ASP C 69 19.25 9.40 11.18
CA ASP C 69 20.58 8.93 11.55
C ASP C 69 20.88 7.51 11.08
N ALA C 70 20.16 7.04 10.08
CA ALA C 70 20.39 5.69 9.58
C ALA C 70 21.14 5.69 8.26
N ASP C 71 21.99 4.68 8.06
CA ASP C 71 22.70 4.58 6.80
C ASP C 71 22.10 3.41 6.05
N MET C 72 21.02 2.85 6.58
CA MET C 72 20.36 1.72 5.95
C MET C 72 18.90 1.55 6.38
N TYR C 73 18.02 1.38 5.39
CA TYR C 73 16.59 1.15 5.64
C TYR C 73 16.13 -0.07 4.88
N ILE C 74 15.70 -1.09 5.61
CA ILE C 74 15.26 -2.35 5.04
C ILE C 74 13.76 -2.60 5.30
N ALA C 75 12.95 -2.60 4.24
CA ALA C 75 11.52 -2.83 4.38
C ALA C 75 11.15 -4.24 3.92
N VAL C 76 10.88 -5.12 4.87
CA VAL C 76 10.53 -6.50 4.56
C VAL C 76 9.15 -6.90 5.07
N THR C 77 8.21 -6.00 4.86
CA THR C 77 6.82 -6.15 5.23
C THR C 77 6.23 -7.13 4.20
N GLY C 78 5.03 -7.63 4.46
CA GLY C 78 4.39 -8.54 3.54
C GLY C 78 3.61 -7.83 2.44
N LYS C 79 3.76 -6.50 2.38
CA LYS C 79 3.07 -5.72 1.37
C LYS C 79 4.05 -4.87 0.58
N GLU C 80 4.32 -5.30 -0.65
CA GLU C 80 5.28 -4.58 -1.48
C GLU C 80 5.02 -3.09 -1.70
N GLU C 81 3.78 -2.61 -1.50
CA GLU C 81 3.52 -1.17 -1.68
C GLU C 81 3.99 -0.42 -0.45
N VAL C 82 3.96 -1.11 0.69
CA VAL C 82 4.42 -0.51 1.92
C VAL C 82 5.94 -0.42 1.84
N ASN C 83 6.58 -1.51 1.41
CA ASN C 83 8.04 -1.52 1.27
C ASN C 83 8.46 -0.47 0.25
N LEU C 84 7.80 -0.45 -0.91
CA LEU C 84 8.10 0.51 -1.97
C LEU C 84 7.99 1.95 -1.46
N MET C 85 6.82 2.32 -0.95
CA MET C 85 6.62 3.67 -0.45
C MET C 85 7.61 4.02 0.66
N SER C 86 7.78 3.09 1.59
CA SER C 86 8.70 3.22 2.73
C SER C 86 10.11 3.56 2.26
N SER C 87 10.62 2.72 1.36
CA SER C 87 11.96 2.89 0.83
C SER C 87 12.17 4.22 0.15
N LEU C 88 11.23 4.62 -0.71
CA LEU C 88 11.37 5.89 -1.41
C LEU C 88 11.34 7.06 -0.42
N LEU C 89 10.55 6.96 0.63
CA LEU C 89 10.48 8.01 1.62
C LEU C 89 11.81 8.10 2.36
N ALA C 90 12.38 6.94 2.66
CA ALA C 90 13.65 6.87 3.37
C ALA C 90 14.77 7.48 2.53
N LYS C 91 14.76 7.15 1.25
CA LYS C 91 15.76 7.65 0.30
C LYS C 91 15.76 9.17 0.33
N SER C 92 14.58 9.76 0.20
CA SER C 92 14.42 11.21 0.20
C SER C 92 14.86 11.85 1.51
N TYR C 93 15.12 11.03 2.52
CA TYR C 93 15.55 11.55 3.81
C TYR C 93 17.05 11.42 4.00
N GLY C 94 17.75 11.22 2.89
CA GLY C 94 19.20 11.11 2.94
C GLY C 94 19.79 9.71 3.01
N ILE C 95 19.05 8.76 3.57
CA ILE C 95 19.56 7.41 3.69
C ILE C 95 20.20 6.92 2.38
N ASN C 96 21.39 6.34 2.52
CA ASN C 96 22.15 5.86 1.38
C ASN C 96 21.82 4.47 0.82
N LYS C 97 21.51 3.51 1.68
CA LYS C 97 21.19 2.16 1.20
C LYS C 97 19.79 1.71 1.61
N THR C 98 18.93 1.49 0.64
CA THR C 98 17.57 1.04 0.91
C THR C 98 17.36 -0.36 0.33
N ILE C 99 16.70 -1.21 1.10
CA ILE C 99 16.41 -2.57 0.65
C ILE C 99 14.92 -2.81 0.78
N ALA C 100 14.28 -3.14 -0.34
CA ALA C 100 12.86 -3.41 -0.34
C ALA C 100 12.52 -4.78 -0.91
N ARG C 101 11.61 -5.44 -0.22
CA ARG C 101 11.15 -6.75 -0.61
C ARG C 101 9.88 -6.65 -1.46
N ILE C 102 9.77 -7.52 -2.46
CA ILE C 102 8.61 -7.53 -3.33
C ILE C 102 7.94 -8.90 -3.29
N SER C 103 6.67 -8.96 -3.68
CA SER C 103 5.95 -10.22 -3.71
C SER C 103 5.65 -10.56 -5.17
N GLU C 104 5.96 -9.61 -6.05
CA GLU C 104 5.76 -9.75 -7.48
C GLU C 104 7.14 -9.83 -8.15
N ILE C 105 7.58 -11.02 -8.53
CA ILE C 105 8.89 -11.18 -9.16
C ILE C 105 9.10 -10.19 -10.31
N GLU C 106 8.02 -9.92 -11.03
CA GLU C 106 8.07 -9.01 -12.17
C GLU C 106 8.30 -7.54 -11.80
N TYR C 107 8.44 -7.26 -10.51
CA TYR C 107 8.68 -5.89 -10.05
C TYR C 107 10.13 -5.59 -9.71
N LYS C 108 10.95 -6.63 -9.66
CA LYS C 108 12.37 -6.48 -9.31
C LYS C 108 13.08 -5.35 -10.05
N ASP C 109 13.05 -5.38 -11.38
CA ASP C 109 13.71 -4.34 -12.16
C ASP C 109 12.96 -3.02 -12.13
N VAL C 110 11.65 -3.07 -11.92
CA VAL C 110 10.84 -1.86 -11.87
C VAL C 110 11.18 -1.05 -10.62
N PHE C 111 11.20 -1.72 -9.48
CA PHE C 111 11.53 -1.07 -8.21
C PHE C 111 12.94 -0.48 -8.24
N GLU C 112 13.86 -1.17 -8.91
CA GLU C 112 15.22 -0.71 -8.98
C GLU C 112 15.29 0.65 -9.69
N ARG C 113 14.71 0.72 -10.88
CA ARG C 113 14.68 1.96 -11.66
C ARG C 113 14.07 3.10 -10.85
N LEU C 114 12.95 2.80 -10.18
CA LEU C 114 12.25 3.82 -9.39
C LEU C 114 13.15 4.38 -8.29
N GLY C 115 14.28 3.73 -8.04
CA GLY C 115 15.18 4.24 -7.03
C GLY C 115 15.61 3.32 -5.90
N VAL C 116 14.92 2.20 -5.72
CA VAL C 116 15.31 1.29 -4.64
C VAL C 116 16.69 0.70 -4.89
N ASP C 117 17.54 0.76 -3.89
CA ASP C 117 18.91 0.23 -4.00
C ASP C 117 18.92 -1.27 -4.25
N VAL C 118 18.24 -2.03 -3.41
CA VAL C 118 18.20 -3.47 -3.57
C VAL C 118 16.77 -3.98 -3.41
N VAL C 119 16.30 -4.75 -4.38
CA VAL C 119 14.96 -5.30 -4.32
C VAL C 119 15.07 -6.81 -4.15
N VAL C 120 14.53 -7.29 -3.04
CA VAL C 120 14.59 -8.71 -2.70
C VAL C 120 13.30 -9.49 -2.93
N SER C 121 13.40 -10.53 -3.74
CA SER C 121 12.28 -11.41 -4.02
C SER C 121 12.60 -12.78 -3.40
N PRO C 122 12.14 -13.00 -2.16
CA PRO C 122 12.41 -14.29 -1.51
C PRO C 122 12.10 -15.47 -2.43
N GLU C 123 11.03 -15.36 -3.21
CA GLU C 123 10.62 -16.43 -4.13
C GLU C 123 11.68 -16.70 -5.22
N LEU C 124 12.04 -15.64 -5.92
CA LEU C 124 13.02 -15.71 -7.00
C LEU C 124 14.34 -16.22 -6.43
N ILE C 125 14.71 -15.74 -5.25
CA ILE C 125 15.95 -16.17 -4.61
C ILE C 125 15.89 -17.66 -4.28
N ALA C 126 14.78 -18.10 -3.69
CA ALA C 126 14.61 -19.51 -3.35
C ALA C 126 14.78 -20.39 -4.58
N ALA C 127 14.32 -19.89 -5.72
CA ALA C 127 14.40 -20.62 -6.99
C ALA C 127 15.83 -20.79 -7.46
N ASN C 128 16.56 -19.69 -7.56
CA ASN C 128 17.95 -19.75 -8.00
C ASN C 128 18.70 -20.69 -7.08
N TYR C 129 18.48 -20.52 -5.78
CA TYR C 129 19.10 -21.33 -4.74
C TYR C 129 18.91 -22.81 -5.05
N ILE C 130 17.66 -23.20 -5.29
CA ILE C 130 17.37 -24.57 -5.59
C ILE C 130 18.08 -24.99 -6.87
N GLU C 131 18.14 -24.09 -7.84
CA GLU C 131 18.81 -24.41 -9.10
C GLU C 131 20.31 -24.58 -8.91
N LYS C 132 20.92 -23.71 -8.12
CA LYS C 132 22.37 -23.79 -7.86
C LYS C 132 22.73 -25.14 -7.26
N LEU C 133 21.86 -25.67 -6.41
CA LEU C 133 22.11 -26.96 -5.78
C LEU C 133 22.12 -28.07 -6.80
N ILE C 134 21.12 -28.07 -7.68
CA ILE C 134 21.03 -29.09 -8.72
C ILE C 134 22.27 -29.01 -9.62
N GLU C 135 22.85 -27.83 -9.71
CA GLU C 135 24.04 -27.60 -10.54
C GLU C 135 25.34 -27.89 -9.77
N ARG C 136 25.25 -28.77 -8.77
CA ARG C 136 26.42 -29.11 -7.97
C ARG C 136 26.45 -30.61 -7.68
N MET D 5 15.78 -40.05 -17.58
CA MET D 5 16.29 -39.45 -16.35
C MET D 5 15.72 -38.04 -16.18
N TYR D 6 14.58 -37.95 -15.48
CA TYR D 6 13.89 -36.67 -15.28
C TYR D 6 13.70 -36.19 -13.83
N ILE D 7 13.15 -34.99 -13.70
CA ILE D 7 12.89 -34.36 -12.42
C ILE D 7 11.43 -33.88 -12.32
N ILE D 8 10.79 -34.18 -11.21
CA ILE D 8 9.42 -33.76 -10.98
C ILE D 8 9.42 -32.56 -10.07
N ILE D 9 8.62 -31.55 -10.41
CA ILE D 9 8.49 -30.34 -9.63
C ILE D 9 7.00 -30.05 -9.43
N ALA D 10 6.60 -29.92 -8.17
CA ALA D 10 5.21 -29.66 -7.81
C ALA D 10 5.07 -28.21 -7.33
N GLY D 11 4.01 -27.55 -7.78
CA GLY D 11 3.78 -26.16 -7.40
C GLY D 11 4.52 -25.27 -8.38
N ILE D 12 3.82 -24.79 -9.41
CA ILE D 12 4.47 -23.96 -10.42
C ILE D 12 4.12 -22.48 -10.31
N GLY D 13 4.24 -21.95 -9.09
CA GLY D 13 3.95 -20.54 -8.87
C GLY D 13 5.21 -19.71 -8.91
N ARG D 14 5.26 -18.69 -8.06
CA ARG D 14 6.41 -17.80 -8.03
C ARG D 14 7.74 -18.55 -7.99
N VAL D 15 7.81 -19.62 -7.20
CA VAL D 15 9.04 -20.39 -7.12
C VAL D 15 9.10 -21.46 -8.21
N GLY D 16 8.03 -22.23 -8.33
CA GLY D 16 7.97 -23.30 -9.30
C GLY D 16 8.22 -22.90 -10.74
N TYR D 17 7.40 -21.99 -11.26
CA TYR D 17 7.53 -21.54 -12.63
C TYR D 17 8.96 -21.13 -12.97
N THR D 18 9.50 -20.20 -12.17
CA THR D 18 10.84 -19.70 -12.38
C THR D 18 11.86 -20.83 -12.48
N LEU D 19 11.80 -21.75 -11.52
CA LEU D 19 12.71 -22.88 -11.49
C LEU D 19 12.55 -23.77 -12.72
N ALA D 20 11.30 -24.08 -13.05
CA ALA D 20 10.98 -24.94 -14.19
C ALA D 20 11.53 -24.39 -15.50
N LYS D 21 11.27 -23.11 -15.76
CA LYS D 21 11.74 -22.48 -16.98
C LYS D 21 13.25 -22.42 -17.02
N SER D 22 13.85 -21.99 -15.92
CA SER D 22 15.30 -21.89 -15.84
C SER D 22 15.95 -23.24 -16.15
N LEU D 23 15.49 -24.29 -15.47
CA LEU D 23 16.01 -25.63 -15.68
C LEU D 23 15.69 -26.16 -17.07
N SER D 24 14.41 -26.04 -17.47
CA SER D 24 13.99 -26.51 -18.77
C SER D 24 14.86 -25.94 -19.88
N GLU D 25 15.11 -24.63 -19.82
CA GLU D 25 15.94 -23.96 -20.80
C GLU D 25 17.36 -24.49 -20.75
N LYS D 26 17.88 -24.67 -19.54
CA LYS D 26 19.22 -25.19 -19.36
C LYS D 26 19.27 -26.66 -19.74
N GLY D 27 18.36 -27.07 -20.63
CA GLY D 27 18.31 -28.44 -21.09
C GLY D 27 18.14 -29.50 -20.02
N HIS D 28 16.97 -29.53 -19.41
CA HIS D 28 16.68 -30.50 -18.36
C HIS D 28 15.35 -31.18 -18.58
N ASP D 29 15.34 -32.49 -18.41
CA ASP D 29 14.11 -33.27 -18.57
C ASP D 29 13.29 -33.02 -17.30
N ILE D 30 12.12 -32.42 -17.43
CA ILE D 30 11.29 -32.15 -16.26
C ILE D 30 9.80 -32.38 -16.47
N VAL D 31 9.13 -32.81 -15.40
CA VAL D 31 7.70 -33.06 -15.39
C VAL D 31 7.11 -32.11 -14.35
N LEU D 32 6.06 -31.40 -14.72
CA LEU D 32 5.46 -30.44 -13.79
C LEU D 32 4.10 -30.91 -13.28
N ILE D 33 3.79 -30.51 -12.06
CA ILE D 33 2.53 -30.89 -11.43
C ILE D 33 1.88 -29.70 -10.76
N ASP D 34 0.63 -29.43 -11.12
CA ASP D 34 -0.12 -28.35 -10.51
C ASP D 34 -1.59 -28.73 -10.50
N ILE D 35 -2.26 -28.39 -9.39
CA ILE D 35 -3.67 -28.71 -9.19
C ILE D 35 -4.56 -27.65 -9.84
N ASP D 36 -3.93 -26.59 -10.33
CA ASP D 36 -4.62 -25.48 -10.97
C ASP D 36 -4.49 -25.56 -12.49
N LYS D 37 -5.61 -25.84 -13.15
CA LYS D 37 -5.67 -25.96 -14.61
C LYS D 37 -5.07 -24.79 -15.39
N ASP D 38 -5.50 -23.56 -15.08
CA ASP D 38 -4.99 -22.39 -15.79
C ASP D 38 -3.50 -22.16 -15.62
N ILE D 39 -2.93 -22.67 -14.54
CA ILE D 39 -1.50 -22.52 -14.31
C ILE D 39 -0.78 -23.55 -15.19
N CYS D 40 -1.44 -24.69 -15.38
CA CYS D 40 -0.89 -25.75 -16.21
C CYS D 40 -0.84 -25.30 -17.66
N LYS D 41 -1.95 -24.75 -18.13
CA LYS D 41 -2.04 -24.26 -19.50
C LYS D 41 -0.93 -23.25 -19.79
N LYS D 42 -0.70 -22.36 -18.84
CA LYS D 42 0.33 -21.33 -18.99
C LYS D 42 1.75 -21.89 -19.00
N ALA D 43 2.03 -22.87 -18.14
CA ALA D 43 3.35 -23.47 -18.07
C ALA D 43 3.67 -24.37 -19.26
N SER D 44 2.69 -25.17 -19.67
CA SER D 44 2.87 -26.07 -20.80
C SER D 44 2.99 -25.31 -22.11
N ALA D 45 2.53 -24.07 -22.10
CA ALA D 45 2.58 -23.22 -23.28
C ALA D 45 3.88 -22.42 -23.33
N GLU D 46 4.49 -22.19 -22.17
CA GLU D 46 5.74 -21.42 -22.12
C GLU D 46 6.95 -22.23 -21.70
N ILE D 47 6.73 -23.47 -21.26
CA ILE D 47 7.81 -24.35 -20.85
C ILE D 47 7.68 -25.70 -21.54
N ASP D 48 8.77 -26.14 -22.16
CA ASP D 48 8.76 -27.42 -22.86
C ASP D 48 8.96 -28.54 -21.84
N ALA D 49 7.89 -29.25 -21.52
CA ALA D 49 7.93 -30.33 -20.55
C ALA D 49 6.55 -30.93 -20.31
N LEU D 50 6.51 -32.08 -19.65
CA LEU D 50 5.25 -32.74 -19.36
C LEU D 50 4.56 -32.05 -18.18
N VAL D 51 3.28 -31.77 -18.34
CA VAL D 51 2.50 -31.11 -17.30
C VAL D 51 1.28 -31.90 -16.86
N ILE D 52 1.25 -32.29 -15.59
CA ILE D 52 0.11 -33.03 -15.05
C ILE D 52 -0.72 -32.08 -14.20
N ASN D 53 -2.04 -32.17 -14.34
CA ASN D 53 -2.94 -31.32 -13.58
C ASN D 53 -3.64 -32.15 -12.49
N GLY D 54 -3.04 -32.18 -11.31
CA GLY D 54 -3.62 -32.94 -10.21
C GLY D 54 -3.08 -32.55 -8.86
N ASP D 55 -3.58 -33.23 -7.82
CA ASP D 55 -3.13 -32.96 -6.46
C ASP D 55 -1.89 -33.82 -6.24
N CYS D 56 -0.75 -33.18 -5.96
CA CYS D 56 0.51 -33.90 -5.76
C CYS D 56 0.57 -34.72 -4.47
N THR D 57 -0.54 -34.75 -3.73
CA THR D 57 -0.62 -35.52 -2.49
C THR D 57 -1.40 -36.79 -2.80
N LYS D 58 -1.83 -36.90 -4.06
CA LYS D 58 -2.59 -38.05 -4.53
C LYS D 58 -1.62 -38.96 -5.30
N ILE D 59 -1.60 -40.24 -4.93
CA ILE D 59 -0.74 -41.21 -5.56
C ILE D 59 -0.95 -41.31 -7.08
N LYS D 60 -2.20 -41.26 -7.53
CA LYS D 60 -2.49 -41.32 -8.96
C LYS D 60 -1.68 -40.25 -9.70
N THR D 61 -1.77 -39.02 -9.22
CA THR D 61 -1.07 -37.88 -9.80
C THR D 61 0.43 -38.15 -9.88
N LEU D 62 0.99 -38.70 -8.80
CA LEU D 62 2.42 -39.00 -8.74
C LEU D 62 2.76 -40.11 -9.73
N GLU D 63 1.95 -41.16 -9.74
CA GLU D 63 2.18 -42.27 -10.66
C GLU D 63 2.19 -41.71 -12.08
N ASP D 64 1.19 -40.88 -12.40
CA ASP D 64 1.10 -40.28 -13.73
C ASP D 64 2.27 -39.35 -14.03
N ALA D 65 2.86 -38.78 -12.98
CA ALA D 65 4.00 -37.88 -13.15
C ALA D 65 5.25 -38.74 -13.34
N GLY D 66 5.08 -40.04 -13.12
CA GLY D 66 6.19 -40.97 -13.27
C GLY D 66 7.13 -41.01 -12.08
N ILE D 67 6.57 -40.84 -10.89
CA ILE D 67 7.34 -40.85 -9.66
C ILE D 67 8.19 -42.12 -9.56
N GLU D 68 7.75 -43.19 -10.21
CA GLU D 68 8.45 -44.47 -10.19
C GLU D 68 9.92 -44.37 -10.61
N ASP D 69 10.18 -43.64 -11.67
CA ASP D 69 11.57 -43.52 -12.13
C ASP D 69 12.11 -42.10 -12.11
N ALA D 70 11.46 -41.22 -11.36
CA ALA D 70 11.94 -39.84 -11.26
C ALA D 70 13.24 -39.94 -10.48
N ASP D 71 14.15 -39.00 -10.73
CA ASP D 71 15.42 -39.01 -10.03
C ASP D 71 15.41 -37.99 -8.91
N MET D 72 14.41 -37.12 -8.92
CA MET D 72 14.34 -36.08 -7.92
C MET D 72 12.93 -35.54 -7.84
N TYR D 73 12.47 -35.26 -6.63
CA TYR D 73 11.14 -34.71 -6.46
C TYR D 73 11.22 -33.37 -5.72
N ILE D 74 10.62 -32.35 -6.30
CA ILE D 74 10.67 -31.02 -5.73
C ILE D 74 9.27 -30.45 -5.51
N ALA D 75 8.91 -30.26 -4.24
CA ALA D 75 7.59 -29.73 -3.89
C ALA D 75 7.76 -28.28 -3.40
N VAL D 76 7.28 -27.35 -4.21
CA VAL D 76 7.39 -25.93 -3.86
C VAL D 76 6.04 -25.24 -3.84
N THR D 77 5.04 -25.99 -3.41
CA THR D 77 3.66 -25.51 -3.28
C THR D 77 3.66 -24.45 -2.17
N GLY D 78 2.57 -23.68 -2.10
CA GLY D 78 2.44 -22.66 -1.07
C GLY D 78 1.93 -23.28 0.21
N LYS D 79 1.64 -24.57 0.18
CA LYS D 79 1.16 -25.29 1.36
C LYS D 79 2.22 -26.22 1.92
N GLU D 80 2.91 -25.72 2.93
CA GLU D 80 3.97 -26.43 3.64
C GLU D 80 3.71 -27.93 3.82
N GLU D 81 2.56 -28.28 4.41
CA GLU D 81 2.29 -29.69 4.64
C GLU D 81 2.09 -30.49 3.35
N VAL D 82 1.61 -29.84 2.29
CA VAL D 82 1.43 -30.54 1.02
C VAL D 82 2.83 -30.93 0.51
N ASN D 83 3.77 -30.00 0.62
CA ASN D 83 5.14 -30.23 0.18
C ASN D 83 5.77 -31.39 0.99
N LEU D 84 5.54 -31.39 2.29
CA LEU D 84 6.06 -32.43 3.17
C LEU D 84 5.45 -33.79 2.81
N MET D 85 4.12 -33.86 2.76
CA MET D 85 3.45 -35.13 2.45
C MET D 85 3.83 -35.71 1.10
N SER D 86 3.79 -34.88 0.06
CA SER D 86 4.12 -35.33 -1.28
C SER D 86 5.58 -35.79 -1.34
N SER D 87 6.45 -35.09 -0.60
CA SER D 87 7.86 -35.44 -0.55
C SER D 87 8.05 -36.80 0.15
N LEU D 88 7.34 -37.02 1.26
CA LEU D 88 7.49 -38.30 1.95
C LEU D 88 6.95 -39.40 1.05
N LEU D 89 5.99 -39.06 0.19
CA LEU D 89 5.43 -40.03 -0.73
C LEU D 89 6.48 -40.32 -1.78
N ALA D 90 7.10 -39.28 -2.31
CA ALA D 90 8.14 -39.46 -3.30
C ALA D 90 9.19 -40.39 -2.70
N LYS D 91 9.48 -40.15 -1.43
CA LYS D 91 10.45 -40.96 -0.71
C LYS D 91 10.05 -42.45 -0.65
N SER D 92 8.78 -42.72 -0.38
CA SER D 92 8.31 -44.09 -0.28
C SER D 92 8.38 -44.87 -1.60
N TYR D 93 8.56 -44.16 -2.70
CA TYR D 93 8.63 -44.78 -4.03
C TYR D 93 10.06 -45.02 -4.47
N GLY D 94 11.02 -44.69 -3.61
CA GLY D 94 12.39 -44.92 -3.98
C GLY D 94 13.18 -43.69 -4.39
N ILE D 95 12.55 -42.51 -4.38
CA ILE D 95 13.25 -41.30 -4.74
C ILE D 95 14.12 -40.86 -3.58
N ASN D 96 15.43 -40.86 -3.81
CA ASN D 96 16.41 -40.51 -2.79
C ASN D 96 16.85 -39.03 -2.79
N LYS D 97 16.24 -38.23 -3.66
CA LYS D 97 16.56 -36.80 -3.75
C LYS D 97 15.29 -35.94 -3.68
N THR D 98 15.00 -35.41 -2.50
CA THR D 98 13.80 -34.59 -2.34
C THR D 98 14.10 -33.18 -1.86
N ILE D 99 13.34 -32.23 -2.38
CA ILE D 99 13.48 -30.82 -2.00
C ILE D 99 12.08 -30.35 -1.67
N ALA D 100 11.91 -29.79 -0.47
CA ALA D 100 10.61 -29.31 -0.03
C ALA D 100 10.66 -27.91 0.56
N ARG D 101 9.75 -27.07 0.08
CA ARG D 101 9.61 -25.70 0.52
C ARG D 101 8.79 -25.71 1.82
N ILE D 102 9.13 -24.80 2.74
CA ILE D 102 8.42 -24.68 4.02
C ILE D 102 8.05 -23.22 4.24
N SER D 103 7.09 -23.00 5.14
CA SER D 103 6.61 -21.66 5.49
C SER D 103 6.98 -21.26 6.93
N GLU D 104 7.06 -22.25 7.82
CA GLU D 104 7.40 -22.00 9.22
C GLU D 104 8.80 -22.52 9.51
N ILE D 105 9.75 -21.57 9.55
CA ILE D 105 11.17 -21.82 9.79
C ILE D 105 11.45 -22.85 10.89
N GLU D 106 10.67 -22.77 11.96
CA GLU D 106 10.81 -23.66 13.10
C GLU D 106 10.84 -25.16 12.76
N TYR D 107 10.05 -25.55 11.75
CA TYR D 107 9.98 -26.95 11.34
C TYR D 107 11.09 -27.41 10.40
N LYS D 108 12.02 -26.52 10.09
CA LYS D 108 13.11 -26.86 9.17
C LYS D 108 13.85 -28.18 9.48
N ASP D 109 14.36 -28.33 10.70
CA ASP D 109 15.10 -29.54 11.03
C ASP D 109 14.17 -30.74 11.24
N VAL D 110 12.90 -30.48 11.47
CA VAL D 110 11.92 -31.56 11.66
C VAL D 110 11.79 -32.21 10.28
N PHE D 111 11.71 -31.36 9.26
CA PHE D 111 11.60 -31.80 7.87
C PHE D 111 12.84 -32.59 7.46
N GLU D 112 14.01 -32.06 7.81
CA GLU D 112 15.26 -32.71 7.48
C GLU D 112 15.37 -34.04 8.23
N ARG D 113 14.89 -34.07 9.46
CA ARG D 113 14.94 -35.28 10.27
C ARG D 113 14.07 -36.39 9.63
N LEU D 114 12.93 -36.00 9.06
CA LEU D 114 12.03 -36.96 8.44
C LEU D 114 12.51 -37.41 7.07
N GLY D 115 13.69 -36.93 6.67
CA GLY D 115 14.23 -37.38 5.40
C GLY D 115 14.22 -36.44 4.20
N VAL D 116 13.63 -35.26 4.32
CA VAL D 116 13.64 -34.34 3.19
C VAL D 116 15.09 -33.89 3.01
N ASP D 117 15.63 -34.15 1.83
CA ASP D 117 17.02 -33.81 1.51
C ASP D 117 17.35 -32.34 1.68
N VAL D 118 16.64 -31.50 0.94
CA VAL D 118 16.87 -30.06 1.01
C VAL D 118 15.60 -29.32 1.45
N VAL D 119 15.71 -28.54 2.51
CA VAL D 119 14.57 -27.80 3.02
C VAL D 119 14.78 -26.32 2.69
N VAL D 120 13.88 -25.76 1.90
CA VAL D 120 14.05 -24.37 1.52
C VAL D 120 12.95 -23.43 1.99
N SER D 121 13.37 -22.48 2.82
CA SER D 121 12.50 -21.47 3.37
C SER D 121 12.89 -20.20 2.64
N PRO D 122 12.06 -19.78 1.66
CA PRO D 122 12.37 -18.56 0.91
C PRO D 122 12.64 -17.38 1.85
N GLU D 123 11.84 -17.27 2.89
CA GLU D 123 11.97 -16.18 3.86
C GLU D 123 13.33 -16.20 4.55
N LEU D 124 13.72 -17.39 5.01
CA LEU D 124 14.99 -17.56 5.70
C LEU D 124 16.16 -17.25 4.76
N ILE D 125 16.04 -17.70 3.51
CA ILE D 125 17.11 -17.46 2.55
C ILE D 125 17.20 -15.98 2.16
N ALA D 126 16.07 -15.30 2.14
CA ALA D 126 16.07 -13.88 1.80
C ALA D 126 16.75 -13.14 2.93
N ALA D 127 16.45 -13.57 4.16
CA ALA D 127 17.03 -12.96 5.35
C ALA D 127 18.56 -12.96 5.33
N ASN D 128 19.17 -14.13 5.19
CA ASN D 128 20.63 -14.15 5.20
C ASN D 128 21.28 -13.68 3.91
N TYR D 129 20.51 -13.59 2.83
CA TYR D 129 21.04 -13.07 1.58
C TYR D 129 21.20 -11.57 1.79
N ILE D 130 20.25 -11.00 2.54
CA ILE D 130 20.26 -9.58 2.86
C ILE D 130 21.41 -9.29 3.83
N GLU D 131 21.60 -10.22 4.77
CA GLU D 131 22.66 -10.10 5.76
C GLU D 131 24.03 -10.25 5.10
N LYS D 132 24.10 -11.05 4.05
CA LYS D 132 25.37 -11.24 3.34
C LYS D 132 25.76 -9.98 2.58
N LEU D 133 24.77 -9.19 2.17
CA LEU D 133 25.03 -7.96 1.43
C LEU D 133 25.48 -6.86 2.38
N ILE D 134 25.39 -7.14 3.67
CA ILE D 134 25.79 -6.18 4.69
C ILE D 134 27.13 -6.59 5.29
N GLU D 135 27.63 -7.75 4.86
CA GLU D 135 28.92 -8.27 5.34
C GLU D 135 29.89 -8.21 4.16
N ARG D 136 29.50 -7.49 3.11
CA ARG D 136 30.30 -7.33 1.90
C ARG D 136 30.84 -5.89 1.85
PA NAD E . -12.70 5.25 -0.46
O1A NAD E . -11.81 5.28 0.72
O2A NAD E . -14.14 5.17 -0.05
O5B NAD E . -12.42 4.03 -1.40
C5B NAD E . -11.16 3.72 -2.00
C4B NAD E . -11.63 2.88 -3.12
O4B NAD E . -10.59 2.31 -4.00
C3B NAD E . -12.53 1.70 -2.67
O3B NAD E . -13.76 1.67 -3.45
C2B NAD E . -11.50 0.55 -2.85
O2B NAD E . -12.17 -0.72 -2.93
C1B NAD E . -10.89 0.98 -4.14
N9A NAD E . -9.72 0.23 -4.67
C8A NAD E . -9.45 -0.17 -5.96
N7A NAD E . -8.29 -0.84 -6.10
C5A NAD E . -7.78 -0.86 -4.82
C6A NAD E . -6.60 -1.40 -4.28
N6A NAD E . -5.70 -2.04 -5.02
N1A NAD E . -6.39 -1.25 -2.93
C2A NAD E . -7.35 -0.58 -2.18
N3A NAD E . -8.48 -0.05 -2.60
C4A NAD E . -8.65 -0.20 -3.92
O3 NAD E . -12.48 6.48 -1.33
PN NAD E . -13.30 7.87 -1.28
O1N NAD E . -14.74 7.61 -1.08
O2N NAD E . -13.09 8.65 -2.54
O5D NAD E . -12.57 8.40 0.04
C5D NAD E . -13.07 8.04 1.37
C4D NAD E . -12.16 8.64 2.41
O4D NAD E . -13.00 9.14 3.49
C3D NAD E . -11.20 7.64 3.06
O3D NAD E . -9.83 8.08 3.23
C2D NAD E . -11.94 7.20 4.38
O2D NAD E . -11.04 7.23 5.52
C1D NAD E . -13.05 8.18 4.55
N1N NAD E . -14.40 7.59 4.61
C2N NAD E . -15.17 8.43 5.31
C3N NAD E . -16.41 8.14 5.40
C7N NAD E . -17.43 8.89 6.10
O7N NAD E . -18.55 8.40 6.03
N7N NAD E . -17.14 10.05 6.76
C4N NAD E . -17.07 6.92 4.79
C5N NAD E . -16.14 6.11 4.08
C6N NAD E . -14.79 6.37 3.94
PA NAD F . -9.30 14.60 11.25
O1A NAD F . -10.10 13.45 10.77
O2A NAD F . -7.89 14.18 11.51
O5B NAD F . -9.92 15.20 12.57
C5B NAD F . -11.26 15.71 12.73
C4B NAD F . -11.01 16.81 13.69
O4B NAD F . -12.19 17.58 14.16
C3B NAD F . -10.25 16.34 14.95
O3B NAD F . -9.16 17.25 15.23
C2B NAD F . -11.45 16.31 15.91
O2B NAD F . -11.06 16.24 17.29
C1B NAD F . -12.05 17.61 15.53
N9A NAD F . -13.28 17.98 16.22
C8A NAD F . -13.60 19.18 16.80
N7A NAD F . -14.82 19.19 17.37
C5A NAD F . -15.29 17.91 17.14
C6A NAD F . -16.50 17.27 17.49
N6A NAD F . -17.46 17.87 18.15
N1A NAD F . -16.64 15.95 17.11
C2A NAD F . -15.62 15.35 16.41
N3A NAD F . -14.47 15.87 16.06
C4A NAD F . -14.35 17.15 16.44
O3 NAD F . -9.31 15.77 10.26
PN NAD F . -10.36 16.11 9.10
O1N NAD F . -9.80 17.11 8.17
O2N NAD F . -11.64 16.61 9.69
O5D NAD F . -10.40 14.63 8.48
C5D NAD F . -11.63 13.84 8.43
C4D NAD F . -11.29 12.50 7.81
O4D NAD F . -9.85 12.27 7.98
C3D NAD F . -11.97 11.28 8.50
O3D NAD F . -12.80 10.46 7.64
C2D NAD F . -10.76 10.54 9.16
O2D NAD F . -10.99 9.11 9.18
C1D NAD F . -9.67 10.92 8.24
N1N NAD F . -8.31 10.70 8.75
C2N NAD F . -7.72 9.88 7.89
C3N NAD F . -6.50 9.62 8.10
C7N NAD F . -5.65 8.76 7.30
O7N NAD F . -4.50 8.67 7.72
N7N NAD F . -6.11 8.10 6.18
C4N NAD F . -5.68 10.17 9.25
C5N NAD F . -6.43 11.03 10.10
C6N NAD F . -7.78 11.35 9.91
PA NAD G . 4.45 -11.47 7.60
O1A NAD G . 3.74 -11.39 6.30
O2A NAD G . 3.88 -12.55 8.48
O5B NAD G . 4.34 -10.09 8.35
C5B NAD G . 4.74 -8.81 7.80
C4B NAD G . 5.04 -8.03 9.02
O4B NAD G . 5.40 -6.60 8.83
C3B NAD G . 3.93 -8.08 10.07
O3B NAD G . 4.50 -8.37 11.38
C2B NAD G . 3.33 -6.69 9.82
O2B NAD G . 2.50 -6.26 10.91
C1B NAD G . 4.61 -5.90 9.73
N9A NAD G . 4.48 -4.47 9.35
C8A NAD G . 5.23 -3.40 9.80
N7A NAD G . 4.88 -2.21 9.26
C5A NAD G . 3.83 -2.56 8.42
C6A NAD G . 3.01 -1.78 7.56
N6A NAD G . 3.13 -0.47 7.43
N1A NAD G . 2.04 -2.45 6.83
C2A NAD G . 1.93 -3.82 6.98
N3A NAD G . 2.65 -4.60 7.75
C4A NAD G . 3.58 -3.94 8.45
O3 NAD G . 5.93 -11.71 7.48
PN NAD G . 6.81 -12.14 6.20
O1N NAD G . 8.00 -12.91 6.63
O2N NAD G . 7.22 -10.92 5.47
O5D NAD G . 5.69 -13.06 5.51
C5D NAD G . 5.13 -12.79 4.17
C4D NAD G . 4.10 -13.87 3.87
O4D NAD G . 3.92 -14.64 5.08
C3D NAD G . 2.68 -13.38 3.53
O3D NAD G . 2.36 -13.26 2.13
C2D NAD G . 1.73 -14.36 4.35
O2D NAD G . 0.86 -15.08 3.44
C1D NAD G . 2.67 -15.28 5.03
N1N NAD G . 2.34 -15.65 6.41
C2N NAD G . 2.82 -16.89 6.62
C3N NAD G . 2.74 -17.33 7.82
C7N NAD G . 3.20 -18.63 8.28
O7N NAD G . 3.03 -18.82 9.48
N7N NAD G . 3.77 -19.56 7.44
C4N NAD G . 2.17 -16.58 8.99
C5N NAD G . 1.69 -15.28 8.63
C6N NAD G . 1.74 -14.75 7.35
PA NAD H . 1.14 -20.39 -4.19
O1A NAD H . 0.80 -20.56 -2.75
O2A NAD H . 0.59 -19.10 -4.71
O5B NAD H . 0.54 -21.55 -5.06
C5B NAD H . 0.82 -22.94 -4.82
C4B NAD H . 0.88 -23.49 -6.19
O4B NAD H . 1.09 -24.95 -6.20
C3B NAD H . -0.38 -23.19 -7.00
O3B NAD H . -0.03 -22.78 -8.35
C2B NAD H . -1.10 -24.54 -6.80
O2B NAD H . -2.14 -24.79 -7.76
C1B NAD H . 0.06 -25.49 -6.95
N9A NAD H . -0.21 -26.88 -6.56
C8A NAD H . 0.09 -28.05 -7.22
N7A NAD H . -0.32 -29.17 -6.57
C5A NAD H . -0.92 -28.67 -5.44
C6A NAD H . -1.55 -29.31 -4.36
N6A NAD H . -1.67 -30.61 -4.27
N1A NAD H . -2.07 -28.49 -3.36
C2A NAD H . -1.93 -27.12 -3.48
N3A NAD H . -1.35 -26.45 -4.46
C4A NAD H . -0.87 -27.27 -5.41
O3 NAD H . 2.65 -20.44 -4.45
PN NAD H . 3.64 -19.18 -4.65
O1N NAD H . 3.39 -18.50 -5.95
O2N NAD H . 5.08 -19.58 -4.59
O5D NAD H . 3.04 -18.35 -3.40
C5D NAD H . 3.32 -18.72 -2.02
C4D NAD H . 2.59 -17.77 -1.09
O4D NAD H . 2.43 -16.49 -1.75
C3D NAD H . 1.15 -18.18 -0.75
O3D NAD H . 0.96 -19.19 0.27
C2D NAD H . 0.48 -16.81 -0.43
O2D NAD H . 0.56 -16.53 0.98
C1D NAD H . 1.29 -15.83 -1.23
N1N NAD H . 0.56 -15.18 -2.34
C2N NAD H . 0.64 -13.86 -2.15
C3N NAD H . 0.08 -13.12 -3.04
C7N NAD H . 0.03 -11.67 -3.06
O7N NAD H . -0.58 -11.21 -4.02
N7N NAD H . 0.61 -10.90 -2.08
C4N NAD H . -0.66 -13.64 -4.25
C5N NAD H . -0.67 -15.07 -4.33
C6N NAD H . -0.08 -15.91 -3.40
#